data_4ZVF
#
_entry.id   4ZVF
#
_cell.length_a   28.500
_cell.length_b   52.530
_cell.length_c   50.930
_cell.angle_alpha   90.00
_cell.angle_beta   106.08
_cell.angle_gamma   90.00
#
_symmetry.space_group_name_H-M   'P 1 21 1'
#
loop_
_entity.id
_entity.type
_entity.pdbx_description
1 polymer 'Diguanylate cyclase DosC'
2 non-polymer "GUANOSINE-5'-RP-ALPHA-THIO-TRIPHOSPHATE"
3 non-polymer 'CALCIUM ION'
4 non-polymer 1,2-ETHANEDIOL
5 water water
#
_entity_poly.entity_id   1
_entity_poly.type   'polypeptide(L)'
_entity_poly.pdbx_seq_one_letter_code
;MDVLTKLLNRRFLPTIFKREIAHANRTGTPLSVLIIDVDKFKEINDTWGHNTGDEILRKVSQAFYDNVRSSDYVFRYGGD
EFIIVLTEASENETLRTAERIRSRVEKTKLKAANGEDIALSLSIGAAMFNGHPDYERLIQIADEALYIAKRRGRNRVELW
KASLLEHHHHHH
;
_entity_poly.pdbx_strand_id   A
#
loop_
_chem_comp.id
_chem_comp.type
_chem_comp.name
_chem_comp.formula
CA non-polymer 'CALCIUM ION' 'Ca 2'
EDO non-polymer 1,2-ETHANEDIOL 'C2 H6 O2'
GAV non-polymer GUANOSINE-5'-RP-ALPHA-THIO-TRIPHOSPHATE 'C10 H16 N5 O13 P3 S'
#
# COMPACT_ATOMS: atom_id res chain seq x y z
N MET A 1 5.22 11.17 -16.99
CA MET A 1 6.38 10.30 -17.17
C MET A 1 6.97 9.87 -15.82
N ASP A 2 6.61 10.59 -14.77
CA ASP A 2 7.09 10.28 -13.43
C ASP A 2 5.94 9.75 -12.61
N VAL A 3 5.95 8.46 -12.31
CA VAL A 3 4.84 7.87 -11.58
C VAL A 3 4.67 8.51 -10.19
N LEU A 4 5.75 9.01 -9.60
CA LEU A 4 5.63 9.66 -8.30
C LEU A 4 4.73 10.89 -8.32
N THR A 5 4.73 11.62 -9.44
CA THR A 5 3.86 12.79 -9.55
C THR A 5 2.44 12.42 -10.00
N LYS A 6 2.20 11.13 -10.23
CA LYS A 6 0.86 10.63 -10.53
C LYS A 6 0.16 10.06 -9.30
N LEU A 7 0.87 9.95 -8.18
CA LEU A 7 0.23 9.56 -6.91
C LEU A 7 -0.57 10.73 -6.37
N LEU A 8 -1.69 10.45 -5.71
CA LEU A 8 -2.47 11.53 -5.12
C LEU A 8 -1.79 12.06 -3.86
N ASN A 9 -1.86 13.38 -3.69
CA ASN A 9 -1.46 14.01 -2.46
C ASN A 9 -2.35 13.52 -1.32
N ARG A 10 -1.75 13.22 -0.18
CA ARG A 10 -2.51 12.72 0.97
C ARG A 10 -3.58 13.70 1.44
N ARG A 11 -3.45 14.97 1.05
CA ARG A 11 -4.50 15.98 1.33
C ARG A 11 -5.87 15.54 0.81
N PHE A 12 -5.88 14.72 -0.23
CA PHE A 12 -7.14 14.24 -0.82
C PHE A 12 -7.82 13.11 -0.03
N LEU A 13 -7.13 12.53 0.95
CA LEU A 13 -7.71 11.41 1.71
C LEU A 13 -9.10 11.67 2.29
N PRO A 14 -9.29 12.77 3.06
CA PRO A 14 -10.62 12.96 3.65
C PRO A 14 -11.69 13.12 2.58
N THR A 15 -11.36 13.85 1.52
CA THR A 15 -12.26 14.11 0.42
C THR A 15 -12.77 12.82 -0.20
N ILE A 16 -11.83 11.96 -0.55
CA ILE A 16 -12.14 10.75 -1.28
C ILE A 16 -12.83 9.74 -0.37
N PHE A 17 -12.39 9.65 0.88
CA PHE A 17 -13.03 8.70 1.77
C PHE A 17 -14.46 9.04 2.08
N LYS A 18 -14.72 10.31 2.30
CA LYS A 18 -16.08 10.69 2.63
C LYS A 18 -17.01 10.38 1.47
N ARG A 19 -16.53 10.60 0.26
CA ARG A 19 -17.25 10.24 -0.96
C ARG A 19 -17.48 8.72 -1.06
N GLU A 20 -16.43 7.96 -0.87
CA GLU A 20 -16.52 6.53 -1.07
C GLU A 20 -17.31 5.82 0.02
N ILE A 21 -17.27 6.34 1.24
CA ILE A 21 -18.12 5.79 2.30
C ILE A 21 -19.59 6.00 1.94
N ALA A 22 -19.93 7.17 1.42
CA ALA A 22 -21.32 7.44 1.02
C ALA A 22 -21.75 6.51 -0.11
N HIS A 23 -20.90 6.35 -1.12
CA HIS A 23 -21.22 5.46 -2.26
C HIS A 23 -21.39 4.02 -1.77
N ALA A 24 -20.47 3.57 -0.91
CA ALA A 24 -20.50 2.21 -0.39
C ALA A 24 -21.79 1.96 0.39
N ASN A 25 -22.19 2.94 1.20
CA ASN A 25 -23.41 2.78 1.99
C ASN A 25 -24.68 2.78 1.15
N ARG A 26 -24.66 3.47 0.00
CA ARG A 26 -25.83 3.49 -0.88
C ARG A 26 -25.96 2.19 -1.66
N THR A 27 -24.82 1.69 -2.15
CA THR A 27 -24.83 0.60 -3.09
C THR A 27 -24.52 -0.76 -2.44
N GLY A 28 -24.05 -0.74 -1.19
CA GLY A 28 -23.67 -1.96 -0.50
C GLY A 28 -22.39 -2.60 -1.01
N THR A 29 -21.47 -1.80 -1.53
CA THR A 29 -20.22 -2.34 -2.05
C THR A 29 -19.10 -2.32 -1.00
N PRO A 30 -18.27 -3.37 -0.98
CA PRO A 30 -17.11 -3.39 -0.07
C PRO A 30 -16.15 -2.22 -0.33
N LEU A 31 -15.48 -1.78 0.72
CA LEU A 31 -14.51 -0.70 0.67
C LEU A 31 -13.38 -1.09 1.60
N SER A 32 -12.14 -0.92 1.16
CA SER A 32 -11.01 -1.34 1.98
C SER A 32 -9.80 -0.44 1.75
N VAL A 33 -8.80 -0.61 2.62
CA VAL A 33 -7.59 0.17 2.53
CA VAL A 33 -7.57 0.17 2.60
C VAL A 33 -6.36 -0.74 2.72
N LEU A 34 -5.31 -0.40 1.98
CA LEU A 34 -3.98 -0.97 2.15
C LEU A 34 -3.06 0.16 2.58
N ILE A 35 -2.26 -0.08 3.62
CA ILE A 35 -1.16 0.81 3.95
CA ILE A 35 -1.17 0.81 3.94
C ILE A 35 0.12 0.04 3.68
N ILE A 36 0.98 0.64 2.87
CA ILE A 36 2.14 -0.06 2.32
C ILE A 36 3.40 0.68 2.70
N ASP A 37 4.41 -0.07 3.13
CA ASP A 37 5.61 0.52 3.68
C ASP A 37 6.81 -0.30 3.22
N VAL A 38 7.76 0.36 2.55
CA VAL A 38 8.92 -0.34 2.01
C VAL A 38 9.77 -0.91 3.14
N ASP A 39 10.23 -2.15 2.97
CA ASP A 39 11.01 -2.83 3.99
C ASP A 39 12.46 -2.39 4.00
N LYS A 40 12.94 -2.02 5.18
CA LYS A 40 14.38 -1.76 5.39
C LYS A 40 14.92 -0.75 4.36
N PHE A 41 14.13 0.28 4.13
CA PHE A 41 14.47 1.30 3.15
C PHE A 41 15.72 2.10 3.57
N LYS A 42 15.95 2.25 4.87
CA LYS A 42 17.18 2.89 5.33
C LYS A 42 18.40 2.10 4.86
N GLU A 43 18.33 0.78 4.98
CA GLU A 43 19.41 -0.08 4.51
C GLU A 43 19.58 0.00 3.00
N ILE A 44 18.48 0.09 2.26
CA ILE A 44 18.56 0.25 0.81
C ILE A 44 19.32 1.52 0.45
N ASN A 45 18.94 2.63 1.08
CA ASN A 45 19.61 3.90 0.81
C ASN A 45 21.08 3.90 1.26
N ASP A 46 21.37 3.26 2.38
CA ASP A 46 22.74 3.20 2.89
C ASP A 46 23.62 2.37 1.98
N THR A 47 23.06 1.33 1.39
CA THR A 47 23.84 0.39 0.58
C THR A 47 23.96 0.86 -0.86
N TRP A 48 22.85 1.28 -1.45
CA TRP A 48 22.80 1.55 -2.88
C TRP A 48 22.71 3.04 -3.22
N GLY A 49 22.58 3.89 -2.21
CA GLY A 49 22.50 5.33 -2.45
C GLY A 49 21.08 5.89 -2.50
N HIS A 50 20.97 7.18 -2.19
CA HIS A 50 19.69 7.88 -2.17
C HIS A 50 19.01 7.88 -3.56
N ASN A 51 19.80 8.04 -4.62
CA ASN A 51 19.26 8.00 -5.98
C ASN A 51 18.63 6.65 -6.29
N THR A 52 19.30 5.56 -5.89
CA THR A 52 18.74 4.23 -6.09
C THR A 52 17.43 4.09 -5.30
N GLY A 53 17.41 4.62 -4.08
CA GLY A 53 16.20 4.63 -3.27
C GLY A 53 15.05 5.33 -3.99
N ASP A 54 15.35 6.46 -4.62
CA ASP A 54 14.33 7.21 -5.36
C ASP A 54 13.82 6.41 -6.57
N GLU A 55 14.70 5.70 -7.26
CA GLU A 55 14.27 4.85 -8.37
C GLU A 55 13.39 3.71 -7.89
N ILE A 56 13.72 3.17 -6.72
CA ILE A 56 12.90 2.12 -6.12
C ILE A 56 11.49 2.62 -5.80
N LEU A 57 11.39 3.85 -5.28
CA LEU A 57 10.07 4.42 -5.02
C LEU A 57 9.21 4.48 -6.30
N ARG A 58 9.83 4.76 -7.45
CA ARG A 58 9.08 4.73 -8.71
C ARG A 58 8.67 3.31 -9.07
N LYS A 59 9.58 2.35 -8.91
CA LYS A 59 9.25 0.97 -9.26
C LYS A 59 8.07 0.44 -8.43
N VAL A 60 8.07 0.73 -7.13
CA VAL A 60 6.97 0.25 -6.31
CA VAL A 60 7.00 0.29 -6.27
C VAL A 60 5.68 0.99 -6.62
N SER A 61 5.76 2.28 -6.90
CA SER A 61 4.57 3.05 -7.23
C SER A 61 3.95 2.55 -8.53
N GLN A 62 4.79 2.24 -9.51
CA GLN A 62 4.29 1.68 -10.75
C GLN A 62 3.63 0.32 -10.53
N ALA A 63 4.21 -0.48 -9.63
CA ALA A 63 3.59 -1.77 -9.27
C ALA A 63 2.18 -1.56 -8.72
N PHE A 64 1.99 -0.52 -7.91
CA PHE A 64 0.66 -0.23 -7.41
C PHE A 64 -0.33 0.03 -8.55
N TYR A 65 0.04 0.92 -9.45
CA TYR A 65 -0.88 1.28 -10.52
C TYR A 65 -1.13 0.10 -11.46
N ASP A 66 -0.11 -0.73 -11.65
CA ASP A 66 -0.26 -1.88 -12.55
C ASP A 66 -1.16 -2.96 -11.96
N ASN A 67 -1.38 -2.90 -10.65
CA ASN A 67 -2.16 -3.93 -9.97
C ASN A 67 -3.52 -3.50 -9.41
N VAL A 68 -3.84 -2.22 -9.53
CA VAL A 68 -5.16 -1.74 -9.10
C VAL A 68 -5.89 -1.11 -10.28
N ARG A 69 -7.17 -0.78 -10.09
CA ARG A 69 -8.01 -0.24 -11.16
C ARG A 69 -8.09 1.28 -11.08
N SER A 70 -8.60 1.90 -12.14
CA SER A 70 -8.74 3.36 -12.15
CA SER A 70 -8.80 3.36 -12.19
C SER A 70 -9.81 3.82 -11.15
N SER A 71 -10.65 2.89 -10.69
CA SER A 71 -11.65 3.20 -9.67
CA SER A 71 -11.65 3.17 -9.66
C SER A 71 -11.10 3.01 -8.24
N ASP A 72 -9.83 2.62 -8.15
CA ASP A 72 -9.09 2.61 -6.88
C ASP A 72 -8.21 3.85 -6.81
N TYR A 73 -7.67 4.14 -5.63
CA TYR A 73 -6.91 5.36 -5.41
C TYR A 73 -5.58 5.05 -4.77
N VAL A 74 -4.51 5.66 -5.25
CA VAL A 74 -3.17 5.47 -4.71
C VAL A 74 -2.59 6.81 -4.26
N PHE A 75 -2.20 6.88 -2.99
CA PHE A 75 -1.68 8.10 -2.36
C PHE A 75 -0.25 7.92 -1.89
N ARG A 76 0.54 8.98 -1.99
CA ARG A 76 1.80 9.07 -1.29
C ARG A 76 1.51 9.51 0.14
N TYR A 77 1.82 8.65 1.11
CA TYR A 77 1.46 8.93 2.51
C TYR A 77 2.63 9.43 3.36
N GLY A 78 3.84 8.97 3.03
CA GLY A 78 5.04 9.37 3.73
C GLY A 78 6.23 9.12 2.83
N GLY A 79 7.44 9.26 3.39
CA GLY A 79 8.67 9.05 2.62
C GLY A 79 8.69 7.74 1.85
N ASP A 80 8.34 6.66 2.51
CA ASP A 80 8.31 5.35 1.86
C ASP A 80 7.04 4.60 2.21
N GLU A 81 5.97 5.38 2.39
CA GLU A 81 4.67 4.86 2.77
CA GLU A 81 4.67 4.86 2.77
C GLU A 81 3.60 5.33 1.80
N PHE A 82 2.64 4.44 1.54
CA PHE A 82 1.60 4.68 0.56
C PHE A 82 0.28 4.15 1.09
N ILE A 83 -0.81 4.74 0.64
CA ILE A 83 -2.14 4.24 0.94
C ILE A 83 -2.85 3.93 -0.37
N ILE A 84 -3.51 2.79 -0.41
CA ILE A 84 -4.39 2.45 -1.51
C ILE A 84 -5.79 2.25 -0.97
N VAL A 85 -6.74 2.97 -1.55
CA VAL A 85 -8.15 2.78 -1.25
C VAL A 85 -8.72 1.93 -2.37
N LEU A 86 -9.23 0.74 -2.00
CA LEU A 86 -9.79 -0.20 -2.94
C LEU A 86 -11.30 -0.14 -2.85
N THR A 87 -11.94 0.08 -3.99
CA THR A 87 -13.39 0.04 -4.03
C THR A 87 -13.86 -1.29 -4.63
N GLU A 88 -15.00 -1.78 -4.14
CA GLU A 88 -15.62 -3.00 -4.65
C GLU A 88 -14.72 -4.22 -4.52
N ALA A 89 -13.93 -4.27 -3.46
CA ALA A 89 -13.07 -5.40 -3.19
C ALA A 89 -13.45 -6.02 -1.84
N SER A 90 -14.00 -7.23 -1.91
CA SER A 90 -14.30 -8.01 -0.72
C SER A 90 -13.02 -8.26 0.08
N GLU A 91 -13.16 -8.86 1.25
CA GLU A 91 -11.99 -9.22 2.03
C GLU A 91 -11.05 -10.11 1.24
N ASN A 92 -11.61 -11.11 0.55
CA ASN A 92 -10.77 -12.00 -0.25
C ASN A 92 -10.06 -11.27 -1.39
N GLU A 93 -10.77 -10.38 -2.06
CA GLU A 93 -10.18 -9.65 -3.17
C GLU A 93 -9.12 -8.68 -2.66
N THR A 94 -9.40 -8.05 -1.52
CA THR A 94 -8.46 -7.11 -0.90
C THR A 94 -7.13 -7.82 -0.61
N LEU A 95 -7.21 -9.00 0.01
CA LEU A 95 -6.01 -9.77 0.31
C LEU A 95 -5.29 -10.22 -0.95
N ARG A 96 -6.05 -10.63 -1.95
CA ARG A 96 -5.52 -11.05 -3.24
C ARG A 96 -4.74 -9.91 -3.91
N THR A 97 -5.32 -8.72 -3.90
CA THR A 97 -4.67 -7.54 -4.48
C THR A 97 -3.39 -7.18 -3.73
N ALA A 98 -3.47 -7.18 -2.40
CA ALA A 98 -2.30 -6.90 -1.59
C ALA A 98 -1.18 -7.91 -1.82
N GLU A 99 -1.52 -9.20 -1.86
CA GLU A 99 -0.53 -10.24 -2.10
C GLU A 99 0.11 -10.11 -3.47
N ARG A 100 -0.68 -9.73 -4.47
CA ARG A 100 -0.14 -9.53 -5.81
C ARG A 100 0.89 -8.40 -5.80
N ILE A 101 0.55 -7.28 -5.17
CA ILE A 101 1.48 -6.17 -5.09
C ILE A 101 2.77 -6.60 -4.38
N ARG A 102 2.64 -7.28 -3.25
CA ARG A 102 3.79 -7.76 -2.49
C ARG A 102 4.68 -8.65 -3.34
N SER A 103 4.07 -9.61 -4.03
CA SER A 103 4.78 -10.57 -4.84
CA SER A 103 4.81 -10.57 -4.82
C SER A 103 5.48 -9.91 -6.03
N ARG A 104 4.77 -9.02 -6.71
CA ARG A 104 5.33 -8.35 -7.88
C ARG A 104 6.57 -7.55 -7.51
N VAL A 105 6.52 -6.88 -6.37
CA VAL A 105 7.66 -6.11 -5.91
C VAL A 105 8.83 -7.02 -5.51
N GLU A 106 8.54 -8.11 -4.80
CA GLU A 106 9.57 -9.06 -4.39
C GLU A 106 10.32 -9.61 -5.59
N LYS A 107 9.59 -9.82 -6.70
CA LYS A 107 10.18 -10.43 -7.89
C LYS A 107 10.78 -9.40 -8.84
N THR A 108 10.70 -8.13 -8.47
CA THR A 108 11.32 -7.07 -9.26
C THR A 108 12.83 -7.09 -9.01
N LYS A 109 13.60 -7.45 -10.04
CA LYS A 109 15.05 -7.55 -9.89
C LYS A 109 15.77 -6.40 -10.58
N LEU A 110 16.02 -5.35 -9.79
CA LEU A 110 16.74 -4.18 -10.26
C LEU A 110 18.24 -4.45 -10.15
N LYS A 111 19.00 -4.04 -11.15
CA LYS A 111 20.45 -4.25 -11.14
C LYS A 111 21.20 -3.03 -10.63
N ALA A 112 22.06 -3.24 -9.64
CA ALA A 112 22.98 -2.20 -9.19
C ALA A 112 24.07 -2.00 -10.24
N ALA A 113 24.93 -1.00 -10.04
CA ALA A 113 25.98 -0.71 -11.02
C ALA A 113 26.97 -1.86 -11.15
N ASN A 114 27.08 -2.69 -10.12
CA ASN A 114 28.00 -3.84 -10.12
C ASN A 114 27.37 -5.11 -10.69
N GLY A 115 26.12 -5.01 -11.15
CA GLY A 115 25.44 -6.15 -11.74
C GLY A 115 24.68 -6.98 -10.72
N GLU A 116 24.79 -6.60 -9.45
CA GLU A 116 24.13 -7.31 -8.36
C GLU A 116 22.63 -7.01 -8.35
N ASP A 117 21.82 -8.03 -8.09
CA ASP A 117 20.39 -7.85 -7.90
C ASP A 117 20.13 -7.15 -6.59
N ILE A 118 19.35 -6.08 -6.63
CA ILE A 118 18.98 -5.38 -5.41
C ILE A 118 17.78 -6.06 -4.76
N ALA A 119 17.92 -6.47 -3.50
CA ALA A 119 16.83 -7.08 -2.76
C ALA A 119 15.83 -6.03 -2.32
N LEU A 120 14.55 -6.28 -2.60
CA LEU A 120 13.49 -5.35 -2.28
C LEU A 120 12.24 -6.09 -1.85
N SER A 121 11.60 -5.59 -0.80
CA SER A 121 10.31 -6.13 -0.40
C SER A 121 9.48 -5.06 0.29
N LEU A 122 8.19 -5.38 0.42
N LEU A 122 8.19 -5.30 0.43
CA LEU A 122 7.16 -4.52 1.03
CA LEU A 122 7.40 -4.38 1.23
C LEU A 122 6.45 -5.22 2.17
C LEU A 122 6.44 -5.14 2.12
N SER A 123 5.93 -4.43 3.11
CA SER A 123 4.92 -4.94 4.03
C SER A 123 3.63 -4.15 3.84
N ILE A 124 2.50 -4.82 4.06
CA ILE A 124 1.18 -4.24 3.81
C ILE A 124 0.23 -4.59 4.92
N GLY A 125 -0.43 -3.57 5.48
CA GLY A 125 -1.55 -3.77 6.37
C GLY A 125 -2.84 -3.51 5.60
N ALA A 126 -3.80 -4.41 5.71
CA ALA A 126 -5.08 -4.29 5.01
C ALA A 126 -6.23 -4.29 6.01
N ALA A 127 -7.28 -3.54 5.71
CA ALA A 127 -8.46 -3.56 6.55
C ALA A 127 -9.71 -3.19 5.77
N MET A 128 -10.84 -3.78 6.17
CA MET A 128 -12.14 -3.49 5.58
C MET A 128 -12.84 -2.35 6.31
N PHE A 129 -13.48 -1.46 5.54
CA PHE A 129 -14.38 -0.48 6.13
C PHE A 129 -15.52 -1.20 6.83
N ASN A 130 -15.73 -0.90 8.10
CA ASN A 130 -16.72 -1.64 8.90
C ASN A 130 -17.98 -0.85 9.23
N GLY A 131 -18.03 0.41 8.82
CA GLY A 131 -19.23 1.19 8.97
C GLY A 131 -19.09 2.45 9.78
N HIS A 132 -18.06 2.54 10.63
CA HIS A 132 -17.91 3.75 11.42
C HIS A 132 -17.67 4.92 10.48
N PRO A 133 -18.36 6.05 10.71
CA PRO A 133 -18.26 7.16 9.76
C PRO A 133 -16.88 7.82 9.64
N ASP A 134 -15.99 7.60 10.61
CA ASP A 134 -14.68 8.24 10.56
C ASP A 134 -13.67 7.36 9.84
N TYR A 135 -13.26 7.75 8.63
CA TYR A 135 -12.27 6.99 7.88
C TYR A 135 -10.94 6.84 8.62
N GLU A 136 -10.64 7.76 9.53
CA GLU A 136 -9.37 7.70 10.24
C GLU A 136 -9.26 6.44 11.09
N ARG A 137 -10.39 5.93 11.59
CA ARG A 137 -10.38 4.66 12.31
C ARG A 137 -9.96 3.51 11.41
N LEU A 138 -10.34 3.57 10.13
CA LEU A 138 -9.99 2.53 9.19
C LEU A 138 -8.48 2.57 8.93
N ILE A 139 -7.92 3.77 8.78
CA ILE A 139 -6.48 3.90 8.62
CA ILE A 139 -6.48 3.91 8.63
C ILE A 139 -5.75 3.35 9.86
N GLN A 140 -6.27 3.65 11.05
CA GLN A 140 -5.65 3.15 12.28
C GLN A 140 -5.57 1.63 12.34
N ILE A 141 -6.67 0.95 12.01
CA ILE A 141 -6.62 -0.51 12.07
C ILE A 141 -5.75 -1.10 10.97
N ALA A 142 -5.73 -0.50 9.78
CA ALA A 142 -4.81 -0.96 8.75
C ALA A 142 -3.35 -0.78 9.20
N ASP A 143 -3.07 0.32 9.89
CA ASP A 143 -1.73 0.58 10.37
CA ASP A 143 -1.72 0.60 10.37
C ASP A 143 -1.32 -0.42 11.44
N GLU A 144 -2.26 -0.82 12.28
CA GLU A 144 -2.00 -1.87 13.27
C GLU A 144 -1.62 -3.17 12.56
N ALA A 145 -2.35 -3.51 11.53
CA ALA A 145 -2.03 -4.69 10.74
C ALA A 145 -0.66 -4.58 10.08
N LEU A 146 -0.33 -3.39 9.59
CA LEU A 146 0.99 -3.16 8.99
C LEU A 146 2.11 -3.40 9.99
N TYR A 147 1.95 -2.87 11.20
CA TYR A 147 2.95 -3.08 12.24
C TYR A 147 3.14 -4.57 12.53
N ILE A 148 2.04 -5.32 12.53
CA ILE A 148 2.13 -6.76 12.75
CA ILE A 148 2.09 -6.77 12.73
C ILE A 148 2.87 -7.45 11.59
N ALA A 149 2.60 -7.04 10.36
CA ALA A 149 3.32 -7.58 9.20
C ALA A 149 4.82 -7.33 9.36
N LYS A 150 5.19 -6.15 9.84
CA LYS A 150 6.60 -5.82 10.07
C LYS A 150 7.17 -6.69 11.17
N ARG A 151 6.47 -6.76 12.31
CA ARG A 151 7.00 -7.50 13.45
C ARG A 151 7.17 -8.99 13.16
N ARG A 152 6.30 -9.54 12.34
CA ARG A 152 6.39 -10.94 11.95
C ARG A 152 7.57 -11.23 11.02
N GLY A 153 8.20 -10.20 10.48
CA GLY A 153 9.38 -10.42 9.69
C GLY A 153 9.41 -9.72 8.36
N ARG A 154 8.40 -8.91 8.04
CA ARG A 154 8.36 -8.11 6.80
C ARG A 154 8.12 -8.98 5.58
N ASN A 155 8.08 -8.36 4.39
CA ASN A 155 7.71 -9.06 3.17
C ASN A 155 6.41 -9.85 3.38
N ARG A 156 5.40 -9.14 3.90
CA ARG A 156 4.17 -9.77 4.38
C ARG A 156 2.98 -8.84 4.18
N VAL A 157 1.82 -9.46 3.97
CA VAL A 157 0.52 -8.79 4.05
C VAL A 157 -0.17 -9.30 5.31
N GLU A 158 -0.78 -8.41 6.08
CA GLU A 158 -1.59 -8.81 7.22
C GLU A 158 -2.94 -8.10 7.12
N LEU A 159 -4.02 -8.88 7.20
CA LEU A 159 -5.37 -8.37 7.26
C LEU A 159 -5.75 -8.13 8.71
N TRP A 160 -6.24 -6.94 9.03
CA TRP A 160 -6.68 -6.69 10.40
C TRP A 160 -7.83 -7.61 10.79
N LYS A 161 -7.70 -8.22 11.95
CA LYS A 161 -8.81 -8.96 12.54
C LYS A 161 -8.67 -8.90 14.05
N ALA A 162 -9.80 -9.09 14.74
CA ALA A 162 -9.85 -8.93 16.18
C ALA A 162 -8.91 -9.85 16.94
N SER A 163 -8.64 -11.03 16.40
CA SER A 163 -7.81 -12.00 17.09
C SER A 163 -6.33 -11.58 17.17
N LEU A 164 -5.93 -10.61 16.37
CA LEU A 164 -4.56 -10.12 16.43
C LEU A 164 -4.25 -9.47 17.77
O6 GAV B . 11.95 10.48 -0.67
C6 GAV B . 12.78 9.71 -0.20
C5 GAV B . 12.72 9.30 1.24
C4 GAV B . 13.62 8.44 1.76
N3 GAV B . 14.68 7.89 0.91
C2 GAV B . 14.73 8.29 -0.46
N2 GAV B . 15.73 7.78 -1.29
N1 GAV B . 13.78 9.17 -1.00
N7 GAV B . 11.87 9.65 2.20
C8 GAV B . 12.24 9.00 3.33
N9 GAV B . 13.32 8.28 3.07
C1' GAV B . 14.21 7.35 3.71
C2' GAV B . 14.61 7.94 5.10
O2' GAV B . 15.74 8.71 4.99
C3' GAV B . 14.78 6.72 5.97
O3' GAV B . 16.23 6.40 6.09
O4' GAV B . 13.46 6.35 4.06
C4' GAV B . 14.14 5.72 5.35
C5' GAV B . 13.07 5.07 6.17
O5' GAV B . 13.76 4.38 7.21
PA GAV B . 13.03 3.92 8.55
S1A GAV B . 11.40 5.09 8.98
O2A GAV B . 13.99 3.94 9.69
O3A GAV B . 12.49 2.45 8.31
PB GAV B . 12.97 1.30 7.30
O1B GAV B . 12.23 1.37 6.00
O2B GAV B . 14.48 1.29 7.18
O3B GAV B . 12.51 -0.03 8.09
PG GAV B . 11.05 -0.65 8.27
O1G GAV B . 11.04 -1.87 7.35
O3G GAV B . 10.91 -1.02 9.71
O2G GAV B . 10.06 0.39 7.79
CA CA C . 9.94 1.48 5.71
CA CA D . 7.20 3.53 8.39
C1 EDO E . 14.50 -5.64 2.42
O1 EDO E . 13.81 -6.80 1.95
C2 EDO E . 14.67 -4.62 1.29
O2 EDO E . 13.36 -4.14 0.92
C1 EDO F . -12.63 8.53 -8.95
O1 EDO F . -13.28 8.98 -10.14
C2 EDO F . -12.53 7.00 -8.92
O2 EDO F . -13.74 6.38 -9.37
#